data_9I0Z
#
_entry.id   9I0Z
#
_cell.length_a   58.412
_cell.length_b   46.739
_cell.length_c   63.380
_cell.angle_alpha   90.00
_cell.angle_beta   111.92
_cell.angle_gamma   90.00
#
_symmetry.space_group_name_H-M   'P 1 21 1'
#
loop_
_entity.id
_entity.type
_entity.pdbx_description
1 polymer 'Casein kinase II subunit alpha'
2 non-polymer 'SULFATE ION'
3 non-polymer (2~{Z},5~{Z})-5-[(4-methoxy-3-oxidanyl-phenyl)methylidene]-2-(2-methylphenyl)imino-1,3-thiazolidin-4-one
4 non-polymer 1,2-ETHANEDIOL
5 water water
#
_entity_poly.entity_id   1
_entity_poly.type   'polypeptide(L)'
_entity_poly.pdbx_seq_one_letter_code
;GPVPSRARVYTDVNTHRPREYWDYESHVVEWGNQDDYQLVRKLGRGKYSEVFEAINITNNEKVVVKILKPVKKKKIKREI
KILENLRGGPNIITLADIVKDPVSRTPALVFEHVNNTDFKQLYQTLTDYDIRFYMYEILKALDYCHSMGIMHRDVKPHNV
MIDHEHRKLRLIDWGLAEFYHPGQEYNVRVASRYFKGPELLVDYQMYDYSLDMWSLGCMLASMIFRKEPFFHGHDNYDQL
VRIAKVLGTEDLYDYIDKYNIELDPRFNDILGRHSRKRWERFVHSENQHLVSPEALDFLDKLLRYDHQSRLTAREAMEHP
YFYTVVKD
;
_entity_poly.pdbx_strand_id   A
#
loop_
_chem_comp.id
_chem_comp.type
_chem_comp.name
_chem_comp.formula
A1IYU non-polymer (2~{Z},5~{Z})-5-[(4-methoxy-3-oxidanyl-phenyl)methylidene]-2-(2-methylphenyl)imino-1,3-thiazolidin-4-one 'C18 H16 N2 O3 S'
EDO non-polymer 1,2-ETHANEDIOL 'C2 H6 O2'
SO4 non-polymer 'SULFATE ION' 'O4 S -2'
#
# COMPACT_ATOMS: atom_id res chain seq x y z
N GLY A 1 5.64 -15.65 25.24
CA GLY A 1 4.83 -15.09 24.17
C GLY A 1 5.44 -13.84 23.56
N PRO A 2 4.85 -13.35 22.48
CA PRO A 2 5.44 -12.19 21.78
C PRO A 2 5.24 -10.91 22.57
N VAL A 3 6.24 -10.04 22.45
CA VAL A 3 6.17 -8.71 23.07
C VAL A 3 5.18 -7.85 22.30
N PRO A 4 4.30 -7.10 22.96
CA PRO A 4 3.34 -6.25 22.24
C PRO A 4 4.02 -5.06 21.59
N SER A 5 3.28 -4.41 20.69
CA SER A 5 3.76 -3.27 19.94
C SER A 5 2.61 -2.29 19.74
N ARG A 6 2.94 -1.00 19.67
CA ARG A 6 2.00 0.08 19.36
C ARG A 6 2.57 0.93 18.23
N ALA A 7 1.69 1.51 17.43
CA ALA A 7 2.13 2.53 16.48
C ALA A 7 2.76 3.70 17.24
N ARG A 8 3.83 4.25 16.68
CA ARG A 8 4.47 5.41 17.32
C ARG A 8 3.77 6.72 17.00
N VAL A 9 2.85 6.74 16.04
CA VAL A 9 2.07 7.92 15.68
C VAL A 9 0.62 7.49 15.46
N TYR A 10 -0.29 8.47 15.55
CA TYR A 10 -1.71 8.24 15.32
C TYR A 10 -2.23 7.03 16.11
N THR A 11 -1.64 6.80 17.28
CA THR A 11 -1.93 5.59 18.03
C THR A 11 -3.39 5.52 18.45
N ASP A 12 -3.94 6.65 18.90
CA ASP A 12 -5.23 6.68 19.58
C ASP A 12 -6.32 7.32 18.73
N VAL A 13 -6.11 7.41 17.40
CA VAL A 13 -7.05 8.15 16.56
C VAL A 13 -8.45 7.54 16.63
N ASN A 14 -8.55 6.22 16.52
CA ASN A 14 -9.86 5.60 16.53
C ASN A 14 -10.44 5.50 17.94
N THR A 15 -9.57 5.43 18.95
CA THR A 15 -10.03 5.47 20.34
C THR A 15 -10.90 6.69 20.59
N HIS A 16 -10.50 7.83 20.05
CA HIS A 16 -11.23 9.04 20.38
CA HIS A 16 -11.06 9.16 20.26
C HIS A 16 -12.19 9.50 19.28
N ARG A 17 -12.29 8.74 18.19
CA ARG A 17 -13.38 8.93 17.22
C ARG A 17 -14.67 8.37 17.81
N PRO A 18 -15.82 8.86 17.33
CA PRO A 18 -17.08 8.21 17.69
C PRO A 18 -17.11 6.78 17.16
N ARG A 19 -17.87 5.92 17.84
CA ARG A 19 -17.87 4.51 17.48
C ARG A 19 -18.27 4.30 16.03
N GLU A 20 -19.25 5.08 15.55
CA GLU A 20 -19.72 4.98 14.17
C GLU A 20 -18.59 5.09 13.16
N TYR A 21 -17.50 5.79 13.51
CA TYR A 21 -16.42 6.00 12.56
C TYR A 21 -15.74 4.70 12.17
N TRP A 22 -15.42 3.85 13.14
CA TRP A 22 -14.65 2.63 12.91
C TRP A 22 -15.47 1.36 13.00
N ASP A 23 -16.71 1.43 13.49
CA ASP A 23 -17.54 0.23 13.68
C ASP A 23 -18.28 -0.09 12.39
N TYR A 24 -17.50 -0.62 11.42
CA TYR A 24 -18.03 -0.80 10.08
C TYR A 24 -19.07 -1.92 10.00
N GLU A 25 -19.09 -2.85 10.96
CA GLU A 25 -20.10 -3.90 10.92
C GLU A 25 -21.50 -3.35 11.07
N SER A 26 -21.66 -2.21 11.73
CA SER A 26 -22.97 -1.59 11.94
C SER A 26 -23.32 -0.58 10.86
N HIS A 27 -22.43 -0.37 9.89
CA HIS A 27 -22.66 0.64 8.88
C HIS A 27 -23.87 0.29 8.01
N VAL A 28 -24.69 1.30 7.70
CA VAL A 28 -25.85 1.13 6.85
C VAL A 28 -25.55 1.77 5.50
N VAL A 29 -25.57 0.97 4.45
CA VAL A 29 -25.15 1.43 3.13
C VAL A 29 -26.25 2.27 2.51
N GLU A 30 -25.88 3.43 1.97
CA GLU A 30 -26.81 4.25 1.21
C GLU A 30 -26.67 3.89 -0.27
N TRP A 31 -27.67 3.23 -0.82
CA TRP A 31 -27.63 2.75 -2.19
C TRP A 31 -28.08 3.84 -3.17
N GLY A 32 -27.36 3.96 -4.28
CA GLY A 32 -27.78 4.80 -5.37
C GLY A 32 -28.58 4.03 -6.40
N ASN A 33 -28.74 4.63 -7.57
CA ASN A 33 -29.55 4.05 -8.64
C ASN A 33 -28.66 3.29 -9.61
N GLN A 34 -28.84 1.97 -9.67
CA GLN A 34 -28.01 1.16 -10.56
C GLN A 34 -28.19 1.55 -12.02
N ASP A 35 -29.37 2.03 -12.41
CA ASP A 35 -29.57 2.38 -13.81
C ASP A 35 -28.82 3.65 -14.22
N ASP A 36 -28.19 4.37 -13.29
CA ASP A 36 -27.41 5.55 -13.67
C ASP A 36 -26.13 5.18 -14.42
N TYR A 37 -25.72 3.91 -14.42
CA TYR A 37 -24.39 3.56 -14.88
C TYR A 37 -24.48 2.51 -15.96
N GLN A 38 -23.79 2.74 -17.07
CA GLN A 38 -23.75 1.79 -18.19
C GLN A 38 -22.32 1.28 -18.31
N LEU A 39 -22.15 -0.03 -18.22
CA LEU A 39 -20.82 -0.61 -18.37
C LEU A 39 -20.36 -0.52 -19.81
N VAL A 40 -19.09 -0.15 -20.01
CA VAL A 40 -18.50 0.08 -21.32
C VAL A 40 -17.51 -1.03 -21.69
N ARG A 41 -16.59 -1.35 -20.79
CA ARG A 41 -15.65 -2.43 -21.06
C ARG A 41 -15.05 -2.90 -19.74
N LYS A 42 -14.67 -4.18 -19.72
CA LYS A 42 -14.05 -4.76 -18.54
C LYS A 42 -12.58 -4.38 -18.52
N LEU A 43 -12.12 -3.92 -17.36
CA LEU A 43 -10.73 -3.49 -17.20
C LEU A 43 -9.86 -4.54 -16.53
N GLY A 44 -10.42 -5.32 -15.62
CA GLY A 44 -9.64 -6.35 -14.96
C GLY A 44 -10.53 -7.23 -14.13
N ARG A 45 -9.96 -8.38 -13.73
CA ARG A 45 -10.60 -9.29 -12.80
C ARG A 45 -9.61 -9.59 -11.70
N GLY A 46 -10.06 -9.42 -10.46
CA GLY A 46 -9.24 -9.68 -9.30
C GLY A 46 -9.69 -10.95 -8.60
N LYS A 47 -8.97 -11.23 -7.51
CA LYS A 47 -9.38 -12.29 -6.60
C LYS A 47 -10.83 -12.09 -6.14
N TYR A 48 -11.22 -10.86 -5.87
CA TYR A 48 -12.47 -10.58 -5.18
C TYR A 48 -13.44 -9.70 -5.96
N SER A 49 -13.13 -9.34 -7.20
CA SER A 49 -14.02 -8.44 -7.94
C SER A 49 -13.66 -8.43 -9.42
N GLU A 50 -14.55 -7.81 -10.19
CA GLU A 50 -14.27 -7.39 -11.55
C GLU A 50 -14.44 -5.88 -11.63
N VAL A 51 -13.64 -5.24 -12.48
CA VAL A 51 -13.64 -3.79 -12.58
C VAL A 51 -13.87 -3.40 -14.03
N PHE A 52 -14.70 -2.36 -14.23
CA PHE A 52 -15.17 -1.94 -15.53
C PHE A 52 -15.03 -0.45 -15.69
N GLU A 53 -14.74 -0.03 -16.91
CA GLU A 53 -15.02 1.34 -17.31
C GLU A 53 -16.51 1.47 -17.58
N ALA A 54 -17.09 2.61 -17.18
CA ALA A 54 -18.52 2.82 -17.34
C ALA A 54 -18.77 4.29 -17.61
N ILE A 55 -20.01 4.60 -17.95
CA ILE A 55 -20.47 5.97 -18.13
C ILE A 55 -21.60 6.22 -17.14
N ASN A 56 -21.52 7.33 -16.44
CA ASN A 56 -22.62 7.84 -15.63
C ASN A 56 -23.54 8.64 -16.54
N ILE A 57 -24.71 8.07 -16.87
CA ILE A 57 -25.58 8.70 -17.87
C ILE A 57 -26.34 9.91 -17.34
N THR A 58 -26.26 10.19 -16.04
CA THR A 58 -26.81 11.46 -15.55
C THR A 58 -25.88 12.65 -15.82
N ASN A 59 -24.60 12.41 -16.14
CA ASN A 59 -23.71 13.49 -16.55
C ASN A 59 -22.78 13.13 -17.71
N ASN A 60 -22.95 11.95 -18.31
CA ASN A 60 -22.14 11.48 -19.45
C ASN A 60 -20.65 11.51 -19.14
N GLU A 61 -20.29 11.34 -17.87
CA GLU A 61 -18.90 11.27 -17.46
C GLU A 61 -18.45 9.81 -17.29
N LYS A 62 -17.19 9.57 -17.58
CA LYS A 62 -16.59 8.27 -17.32
C LYS A 62 -16.46 8.02 -15.82
N VAL A 63 -16.77 6.80 -15.41
CA VAL A 63 -16.54 6.33 -14.05
C VAL A 63 -15.96 4.92 -14.14
N VAL A 64 -15.57 4.40 -12.99
CA VAL A 64 -15.06 3.02 -12.89
C VAL A 64 -15.93 2.28 -11.90
N VAL A 65 -16.39 1.09 -12.30
CA VAL A 65 -17.31 0.29 -11.49
C VAL A 65 -16.61 -0.99 -11.08
N LYS A 66 -16.55 -1.23 -9.77
CA LYS A 66 -15.98 -2.46 -9.21
C LYS A 66 -17.12 -3.32 -8.68
N ILE A 67 -17.39 -4.43 -9.35
CA ILE A 67 -18.47 -5.33 -8.96
C ILE A 67 -17.85 -6.42 -8.10
N LEU A 68 -18.22 -6.46 -6.83
CA LEU A 68 -17.60 -7.39 -5.89
C LEU A 68 -18.05 -8.82 -6.13
N LYS A 69 -17.10 -9.75 -6.06
CA LYS A 69 -17.47 -11.16 -5.97
C LYS A 69 -18.03 -11.43 -4.58
N PRO A 70 -18.73 -12.54 -4.39
CA PRO A 70 -19.24 -12.88 -3.05
C PRO A 70 -18.11 -12.95 -2.02
N VAL A 71 -18.30 -12.20 -0.93
CA VAL A 71 -17.36 -12.20 0.19
C VAL A 71 -18.15 -11.75 1.41
N LYS A 72 -17.67 -12.12 2.60
CA LYS A 72 -18.43 -11.85 3.82
C LYS A 72 -18.75 -10.37 3.93
N LYS A 73 -19.99 -10.08 4.33
CA LYS A 73 -20.53 -8.73 4.25
C LYS A 73 -19.71 -7.74 5.09
N LYS A 74 -19.02 -8.26 6.11
CA LYS A 74 -18.19 -7.43 7.01
C LYS A 74 -17.05 -6.79 6.21
N LYS A 75 -16.56 -7.50 5.20
CA LYS A 75 -15.38 -7.10 4.39
C LYS A 75 -15.86 -6.03 3.43
N ILE A 76 -17.04 -6.25 2.86
CA ILE A 76 -17.64 -5.26 1.97
C ILE A 76 -17.94 -3.98 2.74
N LYS A 77 -18.57 -4.10 3.91
CA LYS A 77 -18.84 -2.93 4.72
C LYS A 77 -17.55 -2.24 5.18
N ARG A 78 -16.50 -3.02 5.43
CA ARG A 78 -15.23 -2.42 5.85
C ARG A 78 -14.67 -1.52 4.75
N GLU A 79 -14.63 -2.03 3.51
CA GLU A 79 -14.11 -1.24 2.40
C GLU A 79 -14.99 -0.01 2.14
N ILE A 80 -16.30 -0.17 2.19
CA ILE A 80 -17.20 0.96 1.97
C ILE A 80 -16.99 2.03 3.03
N LYS A 81 -16.96 1.62 4.30
CA LYS A 81 -16.77 2.58 5.39
C LYS A 81 -15.44 3.32 5.27
N ILE A 82 -14.37 2.59 4.92
CA ILE A 82 -13.07 3.23 4.80
C ILE A 82 -13.06 4.23 3.65
N LEU A 83 -13.61 3.85 2.49
CA LEU A 83 -13.70 4.78 1.37
C LEU A 83 -14.51 6.03 1.73
N GLU A 84 -15.62 5.87 2.44
CA GLU A 84 -16.41 7.05 2.82
C GLU A 84 -15.67 7.90 3.86
N ASN A 85 -14.96 7.27 4.80
CA ASN A 85 -14.19 8.04 5.78
C ASN A 85 -13.09 8.86 5.11
N LEU A 86 -12.45 8.30 4.09
CA LEU A 86 -11.28 8.93 3.46
C LEU A 86 -11.64 9.84 2.30
N ARG A 87 -12.90 9.85 1.86
CA ARG A 87 -13.30 10.58 0.67
C ARG A 87 -12.97 12.06 0.79
N GLY A 88 -12.37 12.62 -0.27
CA GLY A 88 -11.90 13.99 -0.27
C GLY A 88 -10.47 14.18 0.16
N GLY A 89 -9.86 13.20 0.82
CA GLY A 89 -8.50 13.32 1.26
C GLY A 89 -7.53 13.32 0.09
N PRO A 90 -6.31 13.80 0.30
CA PRO A 90 -5.37 13.97 -0.82
C PRO A 90 -5.00 12.65 -1.47
N ASN A 91 -5.24 12.59 -2.79
CA ASN A 91 -4.85 11.46 -3.65
C ASN A 91 -5.52 10.15 -3.25
N ILE A 92 -6.62 10.22 -2.52
CA ILE A 92 -7.46 9.06 -2.21
C ILE A 92 -8.51 8.92 -3.30
N ILE A 93 -8.64 7.72 -3.89
CA ILE A 93 -9.67 7.50 -4.91
C ILE A 93 -11.03 7.84 -4.33
N THR A 94 -11.83 8.54 -5.12
CA THR A 94 -13.14 9.03 -4.67
C THR A 94 -14.21 7.97 -4.97
N LEU A 95 -14.85 7.47 -3.91
CA LEU A 95 -16.07 6.66 -4.07
C LEU A 95 -17.23 7.58 -4.39
N ALA A 96 -17.81 7.43 -5.59
CA ALA A 96 -18.88 8.31 -6.02
C ALA A 96 -20.26 7.74 -5.70
N ASP A 97 -20.40 6.43 -5.65
CA ASP A 97 -21.71 5.83 -5.47
C ASP A 97 -21.54 4.37 -5.11
N ILE A 98 -22.63 3.76 -4.63
CA ILE A 98 -22.70 2.34 -4.34
C ILE A 98 -24.05 1.86 -4.84
N VAL A 99 -24.05 0.83 -5.68
CA VAL A 99 -25.30 0.32 -6.23
C VAL A 99 -25.32 -1.19 -6.11
N LYS A 100 -26.53 -1.76 -6.17
CA LYS A 100 -26.70 -3.20 -6.14
C LYS A 100 -26.73 -3.72 -7.57
N ASP A 101 -25.77 -4.56 -7.91
CA ASP A 101 -25.78 -5.11 -9.27
C ASP A 101 -26.80 -6.23 -9.37
N PRO A 102 -27.70 -6.18 -10.35
CA PRO A 102 -28.77 -7.20 -10.44
C PRO A 102 -28.30 -8.55 -10.92
N VAL A 103 -27.16 -8.64 -11.59
CA VAL A 103 -26.65 -9.91 -12.11
C VAL A 103 -25.81 -10.63 -11.07
N SER A 104 -24.84 -9.93 -10.50
CA SER A 104 -23.96 -10.53 -9.51
C SER A 104 -24.64 -10.72 -8.19
N ARG A 105 -25.71 -9.97 -7.92
CA ARG A 105 -26.38 -9.95 -6.62
C ARG A 105 -25.44 -9.49 -5.52
N THR A 106 -24.50 -8.58 -5.85
CA THR A 106 -23.51 -8.06 -4.92
C THR A 106 -23.43 -6.54 -5.06
N PRO A 107 -22.76 -5.83 -4.14
CA PRO A 107 -22.59 -4.39 -4.33
C PRO A 107 -21.59 -4.08 -5.44
N ALA A 108 -21.82 -2.96 -6.10
CA ALA A 108 -20.91 -2.44 -7.11
C ALA A 108 -20.50 -1.04 -6.66
N LEU A 109 -19.19 -0.84 -6.50
CA LEU A 109 -18.67 0.45 -6.08
C LEU A 109 -18.35 1.28 -7.32
N VAL A 110 -18.77 2.55 -7.30
CA VAL A 110 -18.56 3.46 -8.42
C VAL A 110 -17.53 4.47 -8.00
N PHE A 111 -16.42 4.54 -8.76
CA PHE A 111 -15.30 5.41 -8.48
C PHE A 111 -15.14 6.46 -9.56
N GLU A 112 -14.52 7.59 -9.18
CA GLU A 112 -13.99 8.49 -10.19
C GLU A 112 -13.05 7.73 -11.11
N HIS A 113 -12.94 8.21 -12.35
CA HIS A 113 -12.11 7.58 -13.37
C HIS A 113 -10.74 8.24 -13.45
N VAL A 114 -9.68 7.44 -13.52
CA VAL A 114 -8.32 7.92 -13.75
C VAL A 114 -7.84 7.39 -15.09
N ASN A 115 -7.41 8.29 -15.97
CA ASN A 115 -6.86 7.90 -17.26
C ASN A 115 -5.41 7.46 -17.05
N ASN A 116 -5.22 6.21 -16.69
CA ASN A 116 -3.95 5.70 -16.18
CA ASN A 116 -3.94 5.73 -16.19
C ASN A 116 -3.12 5.04 -17.28
N THR A 117 -1.80 5.05 -17.09
CA THR A 117 -0.86 4.26 -17.87
C THR A 117 -0.33 3.14 -16.99
N ASP A 118 -0.40 1.89 -17.48
CA ASP A 118 -0.03 0.75 -16.65
C ASP A 118 1.43 0.85 -16.22
N PHE A 119 1.71 0.40 -15.00
CA PHE A 119 2.98 0.75 -14.37
C PHE A 119 4.17 0.12 -15.10
N LYS A 120 3.98 -1.04 -15.72
CA LYS A 120 5.09 -1.66 -16.45
C LYS A 120 5.61 -0.72 -17.54
N GLN A 121 4.70 -0.03 -18.23
CA GLN A 121 5.06 0.91 -19.29
C GLN A 121 5.38 2.29 -18.74
N LEU A 122 4.69 2.72 -17.68
CA LEU A 122 4.98 4.03 -17.12
C LEU A 122 6.35 4.07 -16.47
N TYR A 123 6.73 3.00 -15.76
CA TYR A 123 7.95 3.08 -14.96
C TYR A 123 9.21 3.11 -15.81
N GLN A 124 9.17 2.60 -17.05
CA GLN A 124 10.33 2.71 -17.92
C GLN A 124 10.50 4.10 -18.52
N THR A 125 9.57 5.03 -18.27
CA THR A 125 9.66 6.38 -18.80
C THR A 125 9.87 7.46 -17.76
N LEU A 126 9.57 7.18 -16.49
CA LEU A 126 9.66 8.20 -15.45
C LEU A 126 11.11 8.64 -15.24
N THR A 127 11.30 9.95 -15.06
CA THR A 127 12.59 10.54 -14.74
C THR A 127 12.83 10.50 -13.24
N ASP A 128 14.04 10.88 -12.84
CA ASP A 128 14.35 11.07 -11.42
C ASP A 128 13.33 12.01 -10.79
N TYR A 129 13.06 13.13 -11.47
CA TYR A 129 12.10 14.10 -10.92
C TYR A 129 10.71 13.51 -10.83
N ASP A 130 10.28 12.77 -11.86
CA ASP A 130 8.96 12.14 -11.81
C ASP A 130 8.83 11.23 -10.60
N ILE A 131 9.85 10.43 -10.31
CA ILE A 131 9.78 9.47 -9.20
C ILE A 131 9.68 10.20 -7.88
N ARG A 132 10.45 11.27 -7.70
CA ARG A 132 10.35 12.02 -6.45
C ARG A 132 8.95 12.61 -6.31
N PHE A 133 8.44 13.17 -7.41
CA PHE A 133 7.13 13.81 -7.40
C PHE A 133 6.04 12.81 -7.02
N TYR A 134 6.01 11.65 -7.69
CA TYR A 134 4.93 10.71 -7.42
C TYR A 134 5.07 10.06 -6.06
N MET A 135 6.31 9.80 -5.59
CA MET A 135 6.50 9.32 -4.22
C MET A 135 5.92 10.30 -3.21
N TYR A 136 6.17 11.61 -3.40
CA TYR A 136 5.61 12.60 -2.50
C TYR A 136 4.09 12.55 -2.52
N GLU A 137 3.51 12.38 -3.70
CA GLU A 137 2.06 12.31 -3.81
C GLU A 137 1.50 11.07 -3.12
N ILE A 138 2.20 9.93 -3.21
CA ILE A 138 1.77 8.73 -2.47
C ILE A 138 1.84 9.00 -0.97
N LEU A 139 2.90 9.65 -0.51
CA LEU A 139 3.05 9.93 0.91
C LEU A 139 1.91 10.81 1.44
N LYS A 140 1.43 11.76 0.62
CA LYS A 140 0.29 12.55 1.05
C LYS A 140 -0.91 11.66 1.32
N ALA A 141 -1.14 10.67 0.45
CA ALA A 141 -2.27 9.77 0.65
C ALA A 141 -2.08 8.91 1.89
N LEU A 142 -0.84 8.42 2.10
CA LEU A 142 -0.57 7.55 3.24
C LEU A 142 -0.59 8.33 4.55
N ASP A 143 0.01 9.53 4.60
CA ASP A 143 -0.12 10.27 5.84
C ASP A 143 -1.58 10.56 6.14
N TYR A 144 -2.37 10.88 5.11
CA TYR A 144 -3.79 11.15 5.34
C TYR A 144 -4.48 9.93 5.93
N CYS A 145 -4.36 8.77 5.28
CA CYS A 145 -5.13 7.64 5.78
C CYS A 145 -4.62 7.18 7.15
N HIS A 146 -3.30 7.20 7.37
CA HIS A 146 -2.79 6.90 8.70
C HIS A 146 -3.33 7.88 9.74
N SER A 147 -3.33 9.18 9.41
CA SER A 147 -3.85 10.18 10.34
C SER A 147 -5.34 9.99 10.60
N MET A 148 -6.03 9.31 9.69
CA MET A 148 -7.44 8.98 9.82
C MET A 148 -7.66 7.61 10.43
N GLY A 149 -6.60 6.99 10.96
CA GLY A 149 -6.73 5.74 11.66
C GLY A 149 -6.77 4.49 10.78
N ILE A 150 -6.29 4.57 9.54
CA ILE A 150 -6.48 3.48 8.59
C ILE A 150 -5.13 3.08 8.00
N MET A 151 -4.87 1.77 7.94
CA MET A 151 -3.72 1.25 7.20
C MET A 151 -4.20 0.60 5.91
N HIS A 152 -3.46 0.83 4.82
CA HIS A 152 -3.89 0.37 3.50
C HIS A 152 -3.66 -1.13 3.31
N ARG A 153 -2.46 -1.60 3.66
CA ARG A 153 -2.08 -3.02 3.70
C ARG A 153 -1.98 -3.67 2.32
N ASP A 154 -2.01 -2.91 1.25
CA ASP A 154 -1.75 -3.49 -0.07
C ASP A 154 -1.12 -2.44 -0.99
N VAL A 155 -0.10 -1.75 -0.50
CA VAL A 155 0.60 -0.76 -1.31
C VAL A 155 1.49 -1.51 -2.30
N LYS A 156 1.33 -1.20 -3.58
CA LYS A 156 2.08 -1.82 -4.67
C LYS A 156 1.80 -1.01 -5.93
N PRO A 157 2.64 -1.15 -6.96
CA PRO A 157 2.44 -0.32 -8.17
C PRO A 157 1.06 -0.45 -8.79
N HIS A 158 0.50 -1.67 -8.77
CA HIS A 158 -0.83 -1.93 -9.34
C HIS A 158 -1.92 -1.10 -8.68
N ASN A 159 -1.72 -0.61 -7.46
CA ASN A 159 -2.74 0.11 -6.72
C ASN A 159 -2.49 1.62 -6.68
N VAL A 160 -1.60 2.10 -7.53
CA VAL A 160 -1.32 3.52 -7.66
C VAL A 160 -1.67 3.90 -9.10
N MET A 161 -2.83 4.53 -9.30
CA MET A 161 -3.23 4.96 -10.62
CA MET A 161 -3.24 4.97 -10.63
C MET A 161 -2.65 6.34 -10.92
N ILE A 162 -1.95 6.45 -12.05
CA ILE A 162 -1.31 7.71 -12.43
C ILE A 162 -1.79 8.12 -13.82
N ASP A 163 -2.38 9.31 -13.89
CA ASP A 163 -2.62 9.99 -15.17
C ASP A 163 -1.43 10.90 -15.40
N HIS A 164 -0.45 10.42 -16.17
CA HIS A 164 0.82 11.13 -16.29
C HIS A 164 0.65 12.46 -17.01
N GLU A 165 -0.30 12.54 -17.95
CA GLU A 165 -0.53 13.79 -18.67
C GLU A 165 -0.87 14.93 -17.70
N HIS A 166 -1.70 14.64 -16.69
CA HIS A 166 -2.14 15.65 -15.75
C HIS A 166 -1.41 15.58 -14.42
N ARG A 167 -0.36 14.76 -14.33
CA ARG A 167 0.41 14.61 -13.10
CA ARG A 167 0.41 14.61 -13.11
C ARG A 167 -0.51 14.32 -11.93
N LYS A 168 -1.49 13.46 -12.16
CA LYS A 168 -2.54 13.12 -11.20
C LYS A 168 -2.35 11.69 -10.71
N LEU A 169 -2.45 11.48 -9.39
CA LEU A 169 -2.23 10.18 -8.79
C LEU A 169 -3.35 9.85 -7.81
N ARG A 170 -3.83 8.59 -7.84
CA ARG A 170 -4.78 8.13 -6.85
C ARG A 170 -4.37 6.76 -6.31
N LEU A 171 -4.45 6.62 -4.99
CA LEU A 171 -4.24 5.34 -4.31
C LEU A 171 -5.59 4.60 -4.31
N ILE A 172 -5.60 3.40 -4.90
CA ILE A 172 -6.84 2.62 -5.08
C ILE A 172 -6.79 1.30 -4.32
N ASP A 173 -7.87 0.51 -4.47
CA ASP A 173 -8.09 -0.82 -3.89
C ASP A 173 -7.93 -0.91 -2.38
N TRP A 174 -8.87 -0.29 -1.68
CA TRP A 174 -8.93 -0.29 -0.23
C TRP A 174 -9.58 -1.54 0.36
N GLY A 175 -9.67 -2.61 -0.42
CA GLY A 175 -10.32 -3.84 0.01
C GLY A 175 -9.58 -4.61 1.08
N LEU A 176 -8.28 -4.37 1.26
CA LEU A 176 -7.53 -4.97 2.35
C LEU A 176 -7.30 -4.00 3.51
N ALA A 177 -7.75 -2.75 3.40
CA ALA A 177 -7.44 -1.76 4.43
C ALA A 177 -8.17 -2.07 5.73
N GLU A 178 -7.58 -1.64 6.84
CA GLU A 178 -8.17 -1.87 8.15
C GLU A 178 -7.99 -0.66 9.05
N PHE A 179 -8.85 -0.58 10.07
CA PHE A 179 -8.73 0.40 11.14
C PHE A 179 -7.67 -0.04 12.13
N TYR A 180 -6.78 0.89 12.51
CA TYR A 180 -5.77 0.60 13.53
C TYR A 180 -6.33 0.84 14.93
N HIS A 181 -6.21 -0.18 15.78
CA HIS A 181 -6.59 -0.07 17.18
C HIS A 181 -5.43 -0.59 18.01
N PRO A 182 -4.98 0.15 19.03
CA PRO A 182 -3.82 -0.28 19.82
C PRO A 182 -4.03 -1.65 20.42
N GLY A 183 -3.05 -2.52 20.26
CA GLY A 183 -3.09 -3.86 20.81
C GLY A 183 -3.86 -4.88 19.99
N GLN A 184 -4.50 -4.47 18.90
CA GLN A 184 -5.22 -5.43 18.07
C GLN A 184 -4.25 -6.29 17.28
N GLU A 185 -4.60 -7.58 17.15
CA GLU A 185 -3.86 -8.51 16.32
C GLU A 185 -4.58 -8.67 14.98
N TYR A 186 -3.83 -8.59 13.89
CA TYR A 186 -4.35 -8.54 12.54
C TYR A 186 -3.91 -9.77 11.75
N ASN A 187 -4.66 -10.06 10.69
CA ASN A 187 -4.30 -11.13 9.77
C ASN A 187 -2.99 -10.78 9.06
N VAL A 188 -2.05 -11.72 9.02
CA VAL A 188 -0.79 -11.45 8.32
C VAL A 188 -0.88 -11.78 6.83
N ARG A 189 -1.98 -12.39 6.37
CA ARG A 189 -2.15 -12.71 4.95
C ARG A 189 -2.72 -11.50 4.20
N VAL A 190 -1.91 -10.44 4.17
CA VAL A 190 -2.22 -9.20 3.48
C VAL A 190 -1.00 -8.82 2.64
N ALA A 191 -1.21 -7.82 1.77
CA ALA A 191 -0.22 -7.34 0.81
C ALA A 191 0.21 -8.41 -0.20
N SER A 192 0.73 -7.96 -1.32
CA SER A 192 1.29 -8.85 -2.33
CA SER A 192 1.26 -8.89 -2.29
C SER A 192 2.67 -9.32 -1.88
N ARG A 193 3.03 -10.57 -2.26
CA ARG A 193 4.26 -11.20 -1.78
C ARG A 193 5.47 -10.27 -1.77
N TYR A 194 5.73 -9.59 -2.89
CA TYR A 194 6.96 -8.82 -3.03
C TYR A 194 6.96 -7.58 -2.15
N PHE A 195 5.81 -7.20 -1.61
CA PHE A 195 5.66 -5.99 -0.83
C PHE A 195 5.35 -6.29 0.63
N LYS A 196 5.37 -7.56 1.01
CA LYS A 196 5.05 -7.96 2.38
C LYS A 196 6.17 -7.53 3.32
N GLY A 197 5.80 -6.93 4.44
CA GLY A 197 6.77 -6.52 5.43
C GLY A 197 7.31 -7.71 6.19
N PRO A 198 8.52 -7.57 6.75
CA PRO A 198 9.07 -8.63 7.62
C PRO A 198 8.10 -9.06 8.71
N GLU A 199 7.32 -8.13 9.27
CA GLU A 199 6.37 -8.50 10.32
C GLU A 199 5.39 -9.55 9.81
N LEU A 200 4.94 -9.44 8.57
CA LEU A 200 4.04 -10.47 8.05
C LEU A 200 4.77 -11.78 7.83
N LEU A 201 6.01 -11.71 7.35
CA LEU A 201 6.75 -12.90 6.99
C LEU A 201 7.24 -13.67 8.22
N VAL A 202 7.31 -13.04 9.39
CA VAL A 202 7.63 -13.76 10.63
C VAL A 202 6.39 -13.99 11.49
N ASP A 203 5.19 -13.67 10.97
CA ASP A 203 3.92 -13.96 11.63
C ASP A 203 3.72 -13.13 12.90
N TYR A 204 4.13 -11.86 12.86
CA TYR A 204 3.90 -10.94 13.98
C TYR A 204 2.62 -10.16 13.68
N GLN A 205 1.58 -10.38 14.48
CA GLN A 205 0.25 -9.90 14.14
C GLN A 205 -0.07 -8.50 14.66
N MET A 206 0.70 -7.99 15.63
CA MET A 206 0.35 -6.70 16.24
C MET A 206 1.07 -5.56 15.52
N TYR A 207 0.84 -5.48 14.22
CA TYR A 207 1.51 -4.49 13.37
C TYR A 207 0.62 -3.26 13.18
N ASP A 208 1.08 -2.32 12.35
CA ASP A 208 0.39 -1.03 12.31
C ASP A 208 0.66 -0.36 10.96
N TYR A 209 0.43 0.96 10.90
CA TYR A 209 0.61 1.76 9.70
C TYR A 209 1.99 1.56 9.07
N SER A 210 3.01 1.30 9.88
CA SER A 210 4.37 1.18 9.37
C SER A 210 4.53 0.05 8.34
N LEU A 211 3.61 -0.93 8.29
CA LEU A 211 3.61 -1.90 7.21
C LEU A 211 3.59 -1.23 5.84
N ASP A 212 2.76 -0.19 5.68
CA ASP A 212 2.67 0.51 4.39
C ASP A 212 3.99 1.15 4.01
N MET A 213 4.81 1.50 5.00
CA MET A 213 6.08 2.15 4.70
C MET A 213 7.11 1.17 4.18
N TRP A 214 7.08 -0.09 4.66
CA TRP A 214 7.90 -1.12 4.04
C TRP A 214 7.48 -1.34 2.59
N SER A 215 6.18 -1.50 2.35
CA SER A 215 5.73 -1.71 0.98
C SER A 215 6.16 -0.55 0.08
N LEU A 216 6.01 0.70 0.57
CA LEU A 216 6.46 1.86 -0.20
C LEU A 216 7.97 1.79 -0.49
N GLY A 217 8.76 1.38 0.50
CA GLY A 217 10.19 1.22 0.25
C GLY A 217 10.50 0.22 -0.83
N CYS A 218 9.74 -0.89 -0.87
CA CYS A 218 9.91 -1.87 -1.94
C CYS A 218 9.61 -1.25 -3.31
N MET A 219 8.57 -0.42 -3.39
CA MET A 219 8.28 0.28 -4.65
C MET A 219 9.42 1.21 -5.04
N LEU A 220 9.91 1.99 -4.08
CA LEU A 220 11.01 2.93 -4.34
C LEU A 220 12.23 2.19 -4.86
N ALA A 221 12.63 1.10 -4.19
CA ALA A 221 13.81 0.35 -4.60
C ALA A 221 13.67 -0.13 -6.04
N SER A 222 12.48 -0.63 -6.41
CA SER A 222 12.28 -1.12 -7.77
CA SER A 222 12.28 -1.12 -7.77
C SER A 222 12.36 0.00 -8.80
N MET A 223 11.95 1.20 -8.43
CA MET A 223 11.97 2.30 -9.39
C MET A 223 13.36 2.92 -9.52
N ILE A 224 14.05 3.19 -8.41
CA ILE A 224 15.34 3.88 -8.56
C ILE A 224 16.42 2.92 -9.04
N PHE A 225 16.28 1.61 -8.78
CA PHE A 225 17.27 0.64 -9.22
C PHE A 225 16.88 -0.07 -10.51
N ARG A 226 15.66 0.13 -11.00
CA ARG A 226 15.20 -0.48 -12.24
C ARG A 226 15.22 -2.01 -12.14
N LYS A 227 14.61 -2.52 -11.08
CA LYS A 227 14.50 -3.96 -10.86
C LYS A 227 13.13 -4.21 -10.24
N GLU A 228 12.19 -4.72 -11.03
CA GLU A 228 10.82 -4.86 -10.55
C GLU A 228 10.40 -6.31 -10.66
N PRO A 229 10.02 -6.98 -9.55
CA PRO A 229 10.08 -6.40 -8.20
C PRO A 229 11.51 -6.44 -7.68
N PHE A 230 11.77 -5.67 -6.62
CA PHE A 230 13.12 -5.63 -6.07
C PHE A 230 13.38 -6.95 -5.34
N PHE A 231 12.62 -7.23 -4.29
CA PHE A 231 12.75 -8.51 -3.57
C PHE A 231 11.86 -9.55 -4.25
N HIS A 232 12.46 -10.45 -5.03
CA HIS A 232 11.69 -11.30 -5.95
C HIS A 232 11.64 -12.75 -5.45
N GLY A 233 10.87 -12.96 -4.39
CA GLY A 233 10.79 -14.28 -3.79
C GLY A 233 9.86 -15.21 -4.54
N HIS A 234 10.17 -16.51 -4.51
CA HIS A 234 9.36 -17.53 -5.17
CA HIS A 234 9.32 -17.47 -5.20
C HIS A 234 8.18 -17.97 -4.31
N ASP A 235 8.24 -17.71 -3.01
CA ASP A 235 7.15 -17.99 -2.08
C ASP A 235 7.40 -17.12 -0.85
N ASN A 236 6.55 -17.25 0.17
CA ASN A 236 6.68 -16.36 1.31
C ASN A 236 7.93 -16.64 2.12
N TYR A 237 8.43 -17.88 2.11
CA TYR A 237 9.67 -18.17 2.83
C TYR A 237 10.86 -17.60 2.08
N ASP A 238 10.94 -17.85 0.78
CA ASP A 238 12.02 -17.29 -0.03
C ASP A 238 11.99 -15.77 -0.02
N GLN A 239 10.80 -15.18 0.11
CA GLN A 239 10.71 -13.72 0.19
C GLN A 239 11.53 -13.19 1.36
N LEU A 240 11.43 -13.83 2.53
CA LEU A 240 12.23 -13.39 3.67
C LEU A 240 13.71 -13.64 3.43
N VAL A 241 14.07 -14.74 2.76
CA VAL A 241 15.47 -14.99 2.45
C VAL A 241 16.01 -13.89 1.53
N ARG A 242 15.24 -13.50 0.51
CA ARG A 242 15.68 -12.42 -0.38
C ARG A 242 15.93 -11.14 0.39
N ILE A 243 15.06 -10.83 1.35
CA ILE A 243 15.26 -9.62 2.16
C ILE A 243 16.52 -9.76 3.02
N ALA A 244 16.71 -10.94 3.63
CA ALA A 244 17.86 -11.17 4.50
C ALA A 244 19.18 -11.12 3.74
N LYS A 245 19.19 -11.43 2.44
CA LYS A 245 20.43 -11.33 1.70
C LYS A 245 20.86 -9.88 1.49
N VAL A 246 19.96 -8.93 1.72
CA VAL A 246 20.24 -7.51 1.58
C VAL A 246 20.38 -6.83 2.94
N LEU A 247 19.40 -7.00 3.83
CA LEU A 247 19.47 -6.39 5.15
CA LEU A 247 19.45 -6.40 5.15
C LEU A 247 20.29 -7.20 6.14
N GLY A 248 20.64 -8.44 5.82
CA GLY A 248 21.49 -9.27 6.65
C GLY A 248 20.72 -10.08 7.68
N THR A 249 21.34 -11.19 8.09
CA THR A 249 20.66 -12.07 9.04
C THR A 249 20.82 -11.63 10.50
N GLU A 250 21.92 -10.95 10.85
CA GLU A 250 22.08 -10.55 12.25
C GLU A 250 21.01 -9.56 12.68
N ASP A 251 20.63 -8.62 11.81
CA ASP A 251 19.58 -7.69 12.20
C ASP A 251 18.19 -8.33 12.14
N LEU A 252 18.03 -9.39 11.33
CA LEU A 252 16.79 -10.14 11.41
C LEU A 252 16.66 -10.82 12.77
N TYR A 253 17.75 -11.42 13.27
CA TYR A 253 17.69 -12.02 14.59
C TYR A 253 17.48 -10.95 15.67
N ASP A 254 18.10 -9.77 15.52
CA ASP A 254 17.82 -8.71 16.47
C ASP A 254 16.33 -8.35 16.50
N TYR A 255 15.71 -8.31 15.32
CA TYR A 255 14.29 -7.97 15.23
C TYR A 255 13.44 -9.01 15.95
N ILE A 256 13.59 -10.28 15.60
CA ILE A 256 12.72 -11.27 16.23
C ILE A 256 13.07 -11.42 17.71
N ASP A 257 14.32 -11.17 18.09
CA ASP A 257 14.68 -11.24 19.51
C ASP A 257 14.04 -10.11 20.29
N LYS A 258 13.97 -8.91 19.69
CA LYS A 258 13.33 -7.78 20.37
C LYS A 258 11.88 -8.09 20.74
N TYR A 259 11.14 -8.73 19.83
CA TYR A 259 9.74 -9.02 20.04
C TYR A 259 9.53 -10.44 20.57
N ASN A 260 10.62 -11.12 20.92
CA ASN A 260 10.58 -12.49 21.45
C ASN A 260 9.77 -13.40 20.53
N ILE A 261 10.05 -13.28 19.18
CA ILE A 261 9.50 -14.07 18.07
C ILE A 261 10.46 -15.20 17.76
N GLU A 262 9.92 -16.35 17.33
CA GLU A 262 10.71 -17.45 16.79
C GLU A 262 10.51 -17.57 15.29
N LEU A 263 11.60 -17.73 14.55
CA LEU A 263 11.47 -18.06 13.14
C LEU A 263 10.88 -19.46 12.98
N ASP A 264 10.09 -19.61 11.93
CA ASP A 264 9.66 -20.93 11.47
C ASP A 264 10.88 -21.85 11.35
N PRO A 265 10.84 -23.05 11.92
CA PRO A 265 11.99 -23.95 11.75
C PRO A 265 12.25 -24.30 10.29
N ARG A 266 11.30 -24.04 9.40
CA ARG A 266 11.56 -24.25 7.98
C ARG A 266 12.76 -23.43 7.49
N PHE A 267 13.07 -22.32 8.17
CA PHE A 267 14.19 -21.49 7.77
C PHE A 267 15.55 -22.08 8.13
N ASN A 268 15.60 -23.15 8.95
CA ASN A 268 16.89 -23.69 9.38
C ASN A 268 17.77 -24.09 8.20
N ASP A 269 17.17 -24.58 7.11
CA ASP A 269 17.91 -25.10 5.98
C ASP A 269 18.11 -24.11 4.85
N ILE A 270 17.42 -22.97 4.87
CA ILE A 270 17.39 -22.08 3.71
C ILE A 270 17.87 -20.67 4.00
N LEU A 271 17.98 -20.26 5.27
CA LEU A 271 18.23 -18.84 5.55
C LEU A 271 19.70 -18.47 5.39
N GLY A 272 20.60 -19.34 5.83
CA GLY A 272 22.03 -19.02 5.77
C GLY A 272 22.43 -17.86 6.69
N ARG A 273 23.65 -17.38 6.46
CA ARG A 273 24.19 -16.22 7.14
C ARG A 273 24.58 -15.19 6.09
N HIS A 274 24.15 -13.94 6.29
CA HIS A 274 24.35 -12.88 5.30
C HIS A 274 24.69 -11.57 5.99
N SER A 275 25.74 -10.93 5.52
CA SER A 275 26.03 -9.57 5.96
C SER A 275 24.97 -8.59 5.44
N ARG A 276 24.83 -7.48 6.15
CA ARG A 276 24.06 -6.36 5.61
C ARG A 276 24.85 -5.71 4.46
N LYS A 277 24.16 -5.37 3.38
CA LYS A 277 24.78 -4.82 2.19
C LYS A 277 24.66 -3.30 2.16
N ARG A 278 25.57 -2.65 1.43
CA ARG A 278 25.44 -1.22 1.17
C ARG A 278 24.64 -1.02 -0.10
N TRP A 279 23.77 -0.01 -0.10
CA TRP A 279 22.86 0.14 -1.22
C TRP A 279 23.58 0.48 -2.52
N GLU A 280 24.80 1.03 -2.44
CA GLU A 280 25.56 1.36 -3.63
C GLU A 280 25.81 0.16 -4.54
N ARG A 281 25.76 -1.05 -4.01
CA ARG A 281 26.00 -2.22 -4.87
C ARG A 281 24.92 -2.40 -5.94
N PHE A 282 23.74 -1.81 -5.76
CA PHE A 282 22.67 -1.95 -6.74
C PHE A 282 22.68 -0.84 -7.80
N VAL A 283 23.59 0.12 -7.68
CA VAL A 283 23.71 1.22 -8.63
C VAL A 283 24.59 0.76 -9.80
N HIS A 284 24.16 1.06 -11.03
CA HIS A 284 24.97 0.79 -12.20
C HIS A 284 24.70 1.87 -13.24
N SER A 285 25.38 1.77 -14.38
CA SER A 285 25.32 2.85 -15.37
C SER A 285 23.91 3.06 -15.93
N GLU A 286 23.02 2.08 -15.82
CA GLU A 286 21.71 2.23 -16.43
C GLU A 286 20.63 2.67 -15.45
N ASN A 287 20.97 2.82 -14.16
CA ASN A 287 20.04 3.41 -13.21
C ASN A 287 20.62 4.57 -12.41
N GLN A 288 21.89 4.94 -12.63
CA GLN A 288 22.52 5.93 -11.76
C GLN A 288 21.85 7.31 -11.85
N HIS A 289 21.17 7.60 -12.96
CA HIS A 289 20.47 8.86 -13.10
C HIS A 289 19.26 8.97 -12.20
N LEU A 290 18.80 7.84 -11.63
CA LEU A 290 17.68 7.82 -10.70
C LEU A 290 18.14 7.77 -9.25
N VAL A 291 19.45 7.66 -9.02
CA VAL A 291 20.00 7.46 -7.69
C VAL A 291 20.75 8.71 -7.27
N SER A 292 20.64 9.05 -6.00
CA SER A 292 21.37 10.14 -5.37
C SER A 292 21.66 9.70 -3.94
N PRO A 293 22.58 10.36 -3.25
CA PRO A 293 22.76 10.05 -1.82
C PRO A 293 21.47 10.21 -1.04
N GLU A 294 20.64 11.19 -1.40
CA GLU A 294 19.37 11.39 -0.73
C GLU A 294 18.43 10.22 -0.95
N ALA A 295 18.39 9.68 -2.18
CA ALA A 295 17.51 8.56 -2.48
C ALA A 295 17.91 7.34 -1.67
N LEU A 296 19.22 7.07 -1.59
CA LEU A 296 19.67 5.89 -0.87
C LEU A 296 19.43 6.02 0.63
N ASP A 297 19.63 7.22 1.19
CA ASP A 297 19.34 7.41 2.61
C ASP A 297 17.87 7.25 2.91
N PHE A 298 17.00 7.83 2.06
CA PHE A 298 15.57 7.70 2.26
C PHE A 298 15.14 6.23 2.17
N LEU A 299 15.63 5.53 1.14
CA LEU A 299 15.31 4.11 1.00
C LEU A 299 15.76 3.33 2.22
N ASP A 300 16.99 3.59 2.67
CA ASP A 300 17.56 2.92 3.83
C ASP A 300 16.71 3.12 5.08
N LYS A 301 16.03 4.26 5.20
CA LYS A 301 15.22 4.56 6.37
C LYS A 301 13.79 4.04 6.27
N LEU A 302 13.35 3.62 5.08
CA LEU A 302 12.09 2.91 4.92
C LEU A 302 12.26 1.40 5.15
N LEU A 303 13.32 0.81 4.60
CA LEU A 303 13.47 -0.65 4.59
C LEU A 303 14.24 -1.08 5.84
N ARG A 304 13.52 -1.06 6.98
CA ARG A 304 14.03 -1.57 8.25
C ARG A 304 13.24 -2.80 8.63
N TYR A 305 13.91 -3.83 9.16
CA TYR A 305 13.17 -4.96 9.71
C TYR A 305 12.17 -4.50 10.77
N ASP A 306 12.66 -3.73 11.74
CA ASP A 306 11.83 -3.32 12.87
C ASP A 306 10.81 -2.29 12.41
N HIS A 307 9.53 -2.68 12.43
CA HIS A 307 8.48 -1.75 12.00
C HIS A 307 8.50 -0.47 12.81
N GLN A 308 8.96 -0.53 14.07
CA GLN A 308 9.02 0.65 14.92
C GLN A 308 10.13 1.62 14.53
N SER A 309 11.05 1.20 13.66
CA SER A 309 12.18 2.02 13.27
C SER A 309 12.02 2.70 11.92
N ARG A 310 10.99 2.36 11.16
CA ARG A 310 10.80 2.94 9.84
C ARG A 310 10.31 4.38 9.95
N LEU A 311 10.66 5.18 8.95
CA LEU A 311 10.08 6.52 8.84
C LEU A 311 8.57 6.44 8.85
N THR A 312 7.94 7.39 9.54
CA THR A 312 6.51 7.58 9.33
C THR A 312 6.30 8.31 8.01
N ALA A 313 5.04 8.33 7.54
CA ALA A 313 4.78 9.03 6.29
C ALA A 313 5.11 10.51 6.39
N ARG A 314 4.79 11.14 7.53
CA ARG A 314 5.11 12.55 7.74
C ARG A 314 6.62 12.78 7.81
N GLU A 315 7.34 11.92 8.53
CA GLU A 315 8.79 12.03 8.55
C GLU A 315 9.37 11.87 7.17
N ALA A 316 8.83 10.93 6.39
CA ALA A 316 9.32 10.72 5.04
C ALA A 316 9.15 11.99 4.20
N MET A 317 8.03 12.71 4.37
CA MET A 317 7.84 13.93 3.59
CA MET A 317 7.80 13.95 3.64
C MET A 317 8.77 15.05 4.03
N GLU A 318 9.39 14.95 5.21
CA GLU A 318 10.41 15.90 5.63
C GLU A 318 11.81 15.56 5.09
N HIS A 319 11.97 14.43 4.37
CA HIS A 319 13.32 13.93 4.04
C HIS A 319 13.94 14.76 2.91
N PRO A 320 15.26 15.00 2.96
CA PRO A 320 15.93 15.80 1.91
C PRO A 320 15.71 15.32 0.48
N TYR A 321 15.37 14.03 0.29
CA TYR A 321 15.09 13.52 -1.05
C TYR A 321 14.00 14.35 -1.75
N PHE A 322 13.07 14.92 -0.99
CA PHE A 322 11.97 15.69 -1.56
C PHE A 322 12.25 17.18 -1.63
N TYR A 323 13.47 17.62 -1.30
CA TYR A 323 13.76 19.04 -1.39
C TYR A 323 13.65 19.55 -2.83
N THR A 324 13.96 18.71 -3.84
CA THR A 324 13.89 19.20 -5.22
C THR A 324 12.48 19.18 -5.81
N VAL A 325 11.52 18.54 -5.12
CA VAL A 325 10.14 18.51 -5.61
C VAL A 325 9.50 19.88 -5.43
N VAL A 326 8.86 20.39 -6.49
CA VAL A 326 8.21 21.69 -6.41
C VAL A 326 6.96 21.58 -5.56
N LYS A 327 6.88 22.42 -4.53
CA LYS A 327 5.75 22.40 -3.61
C LYS A 327 4.73 23.46 -4.03
N ASP A 328 3.46 23.10 -3.92
CA ASP A 328 2.37 23.97 -4.35
C ASP A 328 1.80 24.77 -3.18
S SO4 B . 16.71 -2.73 11.23
O1 SO4 B . 15.65 -3.40 11.98
O2 SO4 B . 16.60 -2.87 9.78
O3 SO4 B . 16.78 -1.33 11.64
O4 SO4 B . 17.98 -3.35 11.65
S SO4 C . -8.52 -9.55 6.49
O1 SO4 C . -8.70 -9.14 5.10
O2 SO4 C . -8.13 -10.95 6.55
O3 SO4 C . -7.48 -8.73 7.11
O4 SO4 C . -9.77 -9.35 7.23
C10 A1IYU D . -10.42 1.46 -8.62
C11 A1IYU D . -10.19 0.23 -8.19
C01 A1IYU D . -8.93 3.11 -14.61
C03 A1IYU D . -9.41 3.32 -12.30
C04 A1IYU D . -10.04 4.05 -11.30
C06 A1IYU D . -10.37 3.43 -10.11
C07 A1IYU D . -10.05 2.11 -9.94
C08 A1IYU D . -9.40 1.39 -10.92
C09 A1IYU D . -9.08 1.99 -12.12
C13 A1IYU D . -9.72 -2.30 -7.72
C15 A1IYU D . -10.28 -0.01 -6.65
C18 A1IYU D . -9.20 -4.36 -8.84
C19 A1IYU D . -7.94 -4.29 -9.42
C20 A1IYU D . -6.86 -3.34 -8.89
C21 A1IYU D . -7.64 -5.08 -10.51
C22 A1IYU D . -8.60 -5.95 -11.01
C23 A1IYU D . -9.84 -6.02 -10.41
C24 A1IYU D . -10.16 -5.23 -9.32
N14 A1IYU D . -9.97 -1.60 -6.37
N17 A1IYU D . -9.48 -3.54 -7.69
O02 A1IYU D . -9.08 3.96 -13.51
O05 A1IYU D . -10.35 5.37 -11.54
O16 A1IYU D . -10.49 0.80 -5.79
S12 A1IYU D . -9.87 -1.21 -8.97
C1 EDO E . 17.75 -7.48 -5.25
O1 EDO E . 18.85 -8.32 -5.53
C2 EDO E . 17.09 -7.84 -3.97
O2 EDO E . 16.61 -9.17 -3.94
C1 EDO F . 2.71 6.37 9.83
O1 EDO F . 2.65 7.27 8.75
C2 EDO F . 3.62 5.24 9.40
O2 EDO F . 3.97 4.53 10.58
S SO4 G . -15.91 -13.57 9.73
O1 SO4 G . -17.05 -14.37 9.32
O2 SO4 G . -14.67 -14.12 9.16
O3 SO4 G . -16.10 -12.21 9.25
O4 SO4 G . -15.80 -13.56 11.19
S SO4 H . -0.63 -14.99 1.26
O1 SO4 H . -0.95 -13.56 1.34
O2 SO4 H . -1.76 -15.69 0.64
O3 SO4 H . 0.56 -15.20 0.45
O4 SO4 H . -0.40 -15.51 2.61
#